data_5JIM
#
_entry.id   5JIM
#
_cell.length_a   43.146
_cell.length_b   85.413
_cell.length_c   64.121
_cell.angle_alpha   90.00
_cell.angle_beta   90.00
_cell.angle_gamma   90.00
#
_symmetry.space_group_name_H-M   'P 21 21 2'
#
loop_
_entity.id
_entity.type
_entity.pdbx_description
1 polymer Transthyretin
2 non-polymer 'heptadecafluoro-1-octanesulfonic acid'
3 non-polymer 'SODIUM ION'
4 water water
#
_entity_poly.entity_id   1
_entity_poly.type   'polypeptide(L)'
_entity_poly.pdbx_seq_one_letter_code
;GPTGTGESKCPLMVKVLDAVRGSPAINVAVHVFRKAADDTWEPFASGKTSESGELHGLTTEEEFVEGIYKVEIDTKSYWK
ALGISPFHEHAEVVFTANDSGPRRYTIAALLSPYSYSTTAVVTNPKE
;
_entity_poly.pdbx_strand_id   A,B
#
loop_
_chem_comp.id
_chem_comp.type
_chem_comp.name
_chem_comp.formula
NA non-polymer 'SODIUM ION' 'Na 1'
P8S non-polymer 'heptadecafluoro-1-octanesulfonic acid' 'C8 H F17 O3 S'
#
# COMPACT_ATOMS: atom_id res chain seq x y z
N CYS A 10 13.57 -17.78 -9.21
CA CYS A 10 12.73 -16.58 -9.22
C CYS A 10 12.56 -16.06 -7.79
N PRO A 11 13.37 -15.07 -7.39
CA PRO A 11 13.31 -14.63 -5.99
C PRO A 11 12.12 -13.72 -5.68
N LEU A 12 11.48 -13.14 -6.70
CA LEU A 12 10.38 -12.20 -6.52
C LEU A 12 9.32 -12.44 -7.57
N MET A 13 8.09 -12.66 -7.14
CA MET A 13 6.96 -12.81 -8.05
C MET A 13 5.84 -11.96 -7.50
N VAL A 14 5.05 -11.38 -8.41
CA VAL A 14 3.90 -10.57 -8.05
C VAL A 14 2.68 -11.21 -8.70
N LYS A 15 1.61 -11.34 -7.92
CA LYS A 15 0.37 -11.94 -8.39
C LYS A 15 -0.78 -11.00 -8.03
N VAL A 16 -1.64 -10.72 -9.00
CA VAL A 16 -2.73 -9.76 -8.82
C VAL A 16 -4.04 -10.38 -9.26
N LEU A 17 -5.04 -10.28 -8.39
CA LEU A 17 -6.35 -10.85 -8.60
C LEU A 17 -7.41 -9.75 -8.54
N ASP A 18 -8.54 -10.01 -9.19
CA ASP A 18 -9.67 -9.09 -9.34
C ASP A 18 -10.87 -9.67 -8.59
N ALA A 19 -11.32 -8.99 -7.55
CA ALA A 19 -12.43 -9.42 -6.68
C ALA A 19 -13.81 -9.09 -7.25
N VAL A 20 -13.87 -8.30 -8.31
CA VAL A 20 -15.12 -7.97 -8.98
C VAL A 20 -15.49 -9.04 -10.00
N ARG A 21 -14.48 -9.50 -10.73
CA ARG A 21 -14.67 -10.48 -11.80
C ARG A 21 -14.32 -11.89 -11.38
N GLY A 22 -13.68 -12.06 -10.25
CA GLY A 22 -13.27 -13.39 -9.82
C GLY A 22 -12.25 -14.01 -10.76
N SER A 23 -11.23 -13.24 -11.11
CA SER A 23 -10.29 -13.61 -12.15
C SER A 23 -8.92 -13.06 -11.82
N PRO A 24 -7.89 -13.57 -12.50
N PRO A 24 -7.89 -13.58 -12.50
CA PRO A 24 -6.61 -12.84 -12.43
CA PRO A 24 -6.64 -12.84 -12.50
C PRO A 24 -6.75 -11.46 -13.05
C PRO A 24 -6.86 -11.40 -12.96
N ALA A 25 -6.00 -10.49 -12.52
CA ALA A 25 -6.00 -9.13 -13.05
C ALA A 25 -4.90 -9.08 -14.10
N ILE A 26 -5.34 -9.06 -15.35
CA ILE A 26 -4.48 -9.22 -16.52
C ILE A 26 -4.01 -7.86 -17.05
N ASN A 27 -2.74 -7.80 -17.46
N ASN A 27 -2.76 -7.79 -17.52
CA ASN A 27 -2.16 -6.62 -18.10
CA ASN A 27 -2.24 -6.56 -18.10
C ASN A 27 -2.06 -5.41 -17.18
C ASN A 27 -2.28 -5.40 -17.12
N VAL A 28 -1.91 -5.68 -15.88
CA VAL A 28 -1.71 -4.63 -14.88
C VAL A 28 -0.24 -4.26 -14.84
N ALA A 29 0.06 -2.97 -14.94
CA ALA A 29 1.45 -2.50 -14.84
C ALA A 29 1.91 -2.57 -13.41
N VAL A 30 3.12 -3.08 -13.24
CA VAL A 30 3.76 -3.23 -11.94
C VAL A 30 5.16 -2.65 -12.04
N HIS A 31 5.51 -1.78 -11.10
CA HIS A 31 6.85 -1.19 -11.07
C HIS A 31 7.49 -1.51 -9.74
N VAL A 32 8.73 -1.98 -9.77
CA VAL A 32 9.50 -2.24 -8.56
C VAL A 32 10.63 -1.24 -8.44
N PHE A 33 10.82 -0.71 -7.25
CA PHE A 33 11.85 0.28 -6.95
C PHE A 33 12.67 -0.22 -5.79
N ARG A 34 13.92 0.25 -5.72
N ARG A 34 13.93 0.22 -5.74
CA ARG A 34 14.80 -0.06 -4.60
CA ARG A 34 14.75 -0.01 -4.57
C ARG A 34 15.31 1.26 -4.00
C ARG A 34 15.12 1.34 -3.99
N LYS A 35 15.22 1.38 -2.67
CA LYS A 35 15.57 2.61 -2.00
C LYS A 35 17.05 2.83 -2.12
N ALA A 36 17.44 4.00 -2.61
CA ALA A 36 18.83 4.35 -2.79
C ALA A 36 19.40 4.99 -1.53
N ALA A 37 20.71 5.24 -1.51
CA ALA A 37 21.37 5.77 -0.32
C ALA A 37 20.90 7.18 0.00
N ASP A 38 20.50 7.92 -1.04
CA ASP A 38 19.95 9.26 -0.85
C ASP A 38 18.46 9.21 -0.51
N ASP A 39 17.97 8.00 -0.22
CA ASP A 39 16.62 7.79 0.28
C ASP A 39 15.52 8.06 -0.77
N THR A 40 15.92 8.10 -2.04
CA THR A 40 14.97 8.19 -3.13
C THR A 40 14.68 6.79 -3.67
N TRP A 41 13.58 6.64 -4.40
CA TRP A 41 13.21 5.37 -4.99
C TRP A 41 13.76 5.26 -6.40
N GLU A 42 14.64 4.29 -6.63
N GLU A 42 14.61 4.27 -6.61
CA GLU A 42 15.21 4.14 -7.96
CA GLU A 42 15.26 4.02 -7.89
C GLU A 42 14.58 2.95 -8.67
C GLU A 42 14.54 2.91 -8.65
N PRO A 43 14.19 3.14 -9.93
CA PRO A 43 13.60 2.02 -10.68
C PRO A 43 14.49 0.78 -10.68
N PHE A 44 13.86 -0.37 -10.46
CA PHE A 44 14.55 -1.63 -10.29
C PHE A 44 14.09 -2.67 -11.33
N ALA A 45 12.78 -2.81 -11.55
CA ALA A 45 12.24 -3.74 -12.53
C ALA A 45 10.79 -3.38 -12.74
N SER A 46 10.22 -3.83 -13.85
CA SER A 46 8.79 -3.60 -14.08
C SER A 46 8.26 -4.55 -15.13
N GLY A 47 6.96 -4.58 -15.28
CA GLY A 47 6.33 -5.43 -16.28
C GLY A 47 4.82 -5.30 -16.21
N LYS A 48 4.13 -6.14 -16.97
CA LYS A 48 2.68 -6.22 -16.97
C LYS A 48 2.27 -7.64 -16.58
N THR A 49 1.26 -7.79 -15.74
CA THR A 49 0.83 -9.12 -15.36
C THR A 49 0.33 -9.90 -16.58
N SER A 50 0.58 -11.20 -16.52
CA SER A 50 0.19 -12.14 -17.55
C SER A 50 -1.29 -12.50 -17.49
N GLU A 51 -1.71 -13.40 -18.36
N GLU A 51 -1.71 -13.40 -18.36
CA GLU A 51 -3.08 -13.89 -18.36
CA GLU A 51 -3.09 -13.89 -18.36
C GLU A 51 -3.45 -14.67 -17.09
C GLU A 51 -3.44 -14.54 -17.02
N SER A 52 -2.44 -15.06 -16.32
CA SER A 52 -2.66 -15.68 -15.01
C SER A 52 -2.53 -14.69 -13.86
N GLY A 53 -2.39 -13.40 -14.17
CA GLY A 53 -2.26 -12.38 -13.15
C GLY A 53 -0.88 -12.30 -12.53
N GLU A 54 0.09 -12.96 -13.14
CA GLU A 54 1.40 -13.13 -12.57
C GLU A 54 2.45 -12.35 -13.32
N LEU A 55 3.46 -11.94 -12.58
CA LEU A 55 4.59 -11.29 -13.19
C LEU A 55 5.83 -11.94 -12.62
N HIS A 56 6.49 -12.67 -13.51
CA HIS A 56 7.72 -13.39 -13.22
C HIS A 56 8.87 -12.68 -13.92
N GLY A 57 10.09 -13.07 -13.55
CA GLY A 57 11.27 -12.61 -14.24
C GLY A 57 11.68 -11.18 -13.92
N LEU A 58 11.22 -10.66 -12.80
CA LEU A 58 11.55 -9.29 -12.45
C LEU A 58 13.03 -9.14 -12.12
N THR A 59 13.59 -10.14 -11.45
CA THR A 59 14.96 -10.01 -10.99
C THR A 59 15.63 -11.35 -10.87
N THR A 60 16.88 -11.34 -10.45
CA THR A 60 17.64 -12.56 -10.25
C THR A 60 18.12 -12.59 -8.82
N GLU A 61 18.57 -13.75 -8.38
N GLU A 61 18.51 -13.77 -8.36
CA GLU A 61 19.11 -13.86 -7.02
CA GLU A 61 19.08 -13.89 -7.01
C GLU A 61 20.31 -12.94 -6.80
C GLU A 61 20.29 -12.97 -6.83
N GLU A 62 21.18 -12.82 -7.81
N GLU A 62 21.12 -12.87 -7.87
CA GLU A 62 22.36 -11.97 -7.70
CA GLU A 62 22.30 -12.01 -7.86
C GLU A 62 21.99 -10.50 -7.50
C GLU A 62 21.94 -10.55 -7.56
N GLU A 63 20.95 -10.06 -8.20
N GLU A 63 20.91 -10.05 -8.22
CA GLU A 63 20.56 -8.65 -8.19
CA GLU A 63 20.60 -8.64 -8.14
C GLU A 63 19.69 -8.26 -7.00
C GLU A 63 19.75 -8.28 -6.92
N PHE A 64 18.95 -9.23 -6.45
CA PHE A 64 17.96 -8.96 -5.41
C PHE A 64 18.60 -9.06 -4.02
N VAL A 65 19.47 -8.10 -3.75
CA VAL A 65 20.20 -8.06 -2.48
C VAL A 65 19.32 -7.46 -1.39
N GLU A 66 19.75 -7.59 -0.15
CA GLU A 66 19.04 -6.96 0.95
C GLU A 66 18.86 -5.47 0.69
N GLY A 67 17.73 -4.93 1.15
CA GLY A 67 17.45 -3.54 0.94
C GLY A 67 15.96 -3.33 1.13
N ILE A 68 15.51 -2.10 0.94
CA ILE A 68 14.10 -1.76 1.01
C ILE A 68 13.59 -1.62 -0.42
N TYR A 69 12.49 -2.31 -0.71
CA TYR A 69 11.88 -2.36 -2.03
C TYR A 69 10.44 -1.87 -1.94
N LYS A 70 9.99 -1.28 -3.04
CA LYS A 70 8.61 -0.89 -3.22
C LYS A 70 8.06 -1.52 -4.49
N VAL A 71 6.91 -2.17 -4.37
CA VAL A 71 6.16 -2.67 -5.51
C VAL A 71 4.94 -1.80 -5.67
N GLU A 72 4.87 -1.09 -6.79
N GLU A 72 4.82 -1.18 -6.84
CA GLU A 72 3.69 -0.31 -7.13
CA GLU A 72 3.71 -0.29 -7.16
C GLU A 72 2.88 -1.06 -8.16
C GLU A 72 2.85 -0.91 -8.24
N ILE A 73 1.59 -1.17 -7.91
CA ILE A 73 0.67 -1.83 -8.82
C ILE A 73 -0.31 -0.77 -9.33
N ASP A 74 -0.42 -0.61 -10.64
N ASP A 74 -0.38 -0.62 -10.65
CA ASP A 74 -1.18 0.50 -11.20
CA ASP A 74 -1.20 0.42 -11.27
C ASP A 74 -2.67 0.17 -11.35
C ASP A 74 -2.66 0.00 -11.34
N THR A 75 -3.32 0.12 -10.19
CA THR A 75 -4.71 -0.30 -10.07
C THR A 75 -5.68 0.67 -10.73
N LYS A 76 -5.37 1.96 -10.71
CA LYS A 76 -6.32 2.93 -11.25
C LYS A 76 -6.54 2.69 -12.75
N SER A 77 -5.44 2.49 -13.48
CA SER A 77 -5.57 2.24 -14.91
C SER A 77 -6.28 0.93 -15.19
N TYR A 78 -6.08 -0.07 -14.34
CA TYR A 78 -6.81 -1.32 -14.49
C TYR A 78 -8.33 -1.11 -14.40
N TRP A 79 -8.79 -0.45 -13.34
CA TRP A 79 -10.21 -0.21 -13.16
C TRP A 79 -10.77 0.69 -14.27
N LYS A 80 -10.02 1.72 -14.66
CA LYS A 80 -10.48 2.60 -15.71
C LYS A 80 -10.71 1.82 -16.99
N ALA A 81 -9.87 0.85 -17.30
CA ALA A 81 -10.01 0.07 -18.52
C ALA A 81 -11.27 -0.79 -18.50
N LEU A 82 -11.75 -1.09 -17.29
CA LEU A 82 -12.97 -1.88 -17.09
C LEU A 82 -14.18 -0.97 -16.93
N GLY A 83 -13.96 0.34 -16.97
CA GLY A 83 -15.07 1.29 -16.86
C GLY A 83 -15.63 1.40 -15.45
N ILE A 84 -14.79 1.15 -14.47
CA ILE A 84 -15.21 1.16 -13.08
C ILE A 84 -14.43 2.26 -12.34
N SER A 85 -15.13 3.14 -11.64
CA SER A 85 -14.45 4.23 -10.97
C SER A 85 -13.75 3.73 -9.71
N PRO A 86 -12.43 3.95 -9.59
CA PRO A 86 -11.75 3.43 -8.41
C PRO A 86 -11.35 4.52 -7.43
N PHE A 87 -10.95 4.09 -6.25
CA PHE A 87 -10.55 4.99 -5.20
C PHE A 87 -9.06 5.31 -5.22
N HIS A 88 -8.22 4.29 -5.32
CA HIS A 88 -6.79 4.47 -5.16
C HIS A 88 -6.09 4.90 -6.45
N GLU A 89 -5.00 5.63 -6.34
CA GLU A 89 -4.13 5.88 -7.49
C GLU A 89 -3.38 4.62 -7.91
N HIS A 90 -2.95 3.87 -6.92
CA HIS A 90 -2.19 2.64 -7.13
C HIS A 90 -2.19 1.93 -5.79
N ALA A 91 -1.70 0.69 -5.79
CA ALA A 91 -1.46 -0.03 -4.55
C ALA A 91 0.05 -0.14 -4.39
N GLU A 92 0.52 0.06 -3.18
CA GLU A 92 1.94 0.05 -2.91
C GLU A 92 2.26 -0.98 -1.86
N VAL A 93 3.35 -1.71 -2.09
CA VAL A 93 3.81 -2.66 -1.09
C VAL A 93 5.28 -2.37 -0.83
N VAL A 94 5.62 -1.99 0.39
CA VAL A 94 6.98 -1.58 0.75
C VAL A 94 7.49 -2.51 1.83
N PHE A 95 8.66 -3.09 1.59
CA PHE A 95 9.19 -4.12 2.48
C PHE A 95 10.70 -4.16 2.43
N THR A 96 11.31 -4.76 3.45
CA THR A 96 12.74 -5.04 3.46
C THR A 96 13.00 -6.49 3.05
N ALA A 97 13.90 -6.71 2.10
CA ALA A 97 14.41 -8.05 1.80
C ALA A 97 15.53 -8.38 2.80
N ASN A 98 15.45 -9.57 3.39
N ASN A 98 15.39 -9.53 3.45
CA ASN A 98 16.35 -10.00 4.47
CA ASN A 98 16.39 -9.99 4.41
C ASN A 98 16.88 -11.42 4.23
C ASN A 98 16.91 -11.35 3.98
N ASP A 99 18.21 -11.54 4.15
CA ASP A 99 18.85 -12.83 3.98
C ASP A 99 18.83 -13.50 5.33
N SER A 100 17.94 -14.48 5.48
CA SER A 100 17.95 -15.34 6.64
C SER A 100 17.80 -16.78 6.17
N GLY A 101 18.85 -17.29 5.53
CA GLY A 101 18.72 -18.49 4.73
C GLY A 101 18.13 -18.19 3.36
N PRO A 102 17.93 -19.30 2.55
CA PRO A 102 17.41 -18.97 1.21
C PRO A 102 15.97 -18.47 1.25
N ARG A 103 15.62 -17.57 0.34
CA ARG A 103 14.29 -16.96 0.32
C ARG A 103 13.69 -16.69 -1.07
N ARG A 104 12.39 -16.96 -1.19
CA ARG A 104 11.60 -16.55 -2.33
C ARG A 104 10.39 -15.76 -1.83
N TYR A 105 10.11 -14.66 -2.50
CA TYR A 105 9.04 -13.74 -2.11
C TYR A 105 7.96 -13.71 -3.17
N THR A 106 6.73 -13.99 -2.75
CA THR A 106 5.56 -13.76 -3.57
C THR A 106 4.78 -12.64 -2.91
N ILE A 107 4.53 -11.59 -3.68
CA ILE A 107 3.69 -10.47 -3.24
C ILE A 107 2.37 -10.62 -3.98
N ALA A 108 1.29 -10.83 -3.23
CA ALA A 108 -0.02 -11.02 -3.83
C ALA A 108 -0.94 -9.86 -3.45
N ALA A 109 -1.79 -9.46 -4.38
CA ALA A 109 -2.76 -8.43 -4.13
C ALA A 109 -4.09 -8.80 -4.72
N LEU A 110 -5.16 -8.54 -3.98
CA LEU A 110 -6.53 -8.73 -4.38
C LEU A 110 -7.19 -7.37 -4.46
N LEU A 111 -7.66 -7.05 -5.65
CA LEU A 111 -8.16 -5.71 -5.95
C LEU A 111 -9.67 -5.63 -6.00
N SER A 112 -10.19 -4.59 -5.34
CA SER A 112 -11.57 -4.12 -5.52
C SER A 112 -11.52 -2.61 -5.80
N PRO A 113 -12.63 -2.03 -6.28
CA PRO A 113 -12.54 -0.60 -6.64
C PRO A 113 -12.17 0.33 -5.48
N TYR A 114 -12.67 0.06 -4.28
CA TYR A 114 -12.38 0.88 -3.11
C TYR A 114 -11.53 0.22 -2.04
N SER A 115 -10.92 -0.92 -2.36
N SER A 115 -10.93 -0.92 -2.37
N SER A 115 -10.92 -0.92 -2.38
CA SER A 115 -10.18 -1.68 -1.36
CA SER A 115 -10.14 -1.66 -1.39
CA SER A 115 -10.19 -1.70 -1.39
C SER A 115 -9.19 -2.62 -1.98
C SER A 115 -9.10 -2.51 -2.05
C SER A 115 -9.09 -2.49 -2.06
N TYR A 116 -8.09 -2.87 -1.29
CA TYR A 116 -7.19 -3.93 -1.69
C TYR A 116 -6.67 -4.64 -0.48
N SER A 117 -6.35 -5.91 -0.67
CA SER A 117 -5.70 -6.73 0.34
C SER A 117 -4.39 -7.20 -0.25
N THR A 118 -3.36 -7.25 0.57
CA THR A 118 -2.09 -7.74 0.08
C THR A 118 -1.42 -8.60 1.13
N THR A 119 -0.72 -9.63 0.66
CA THR A 119 0.02 -10.49 1.57
C THR A 119 1.34 -10.85 0.93
N ALA A 120 2.23 -11.36 1.77
CA ALA A 120 3.51 -11.87 1.31
C ALA A 120 3.62 -13.32 1.72
N VAL A 121 4.11 -14.12 0.80
CA VAL A 121 4.39 -15.52 1.06
C VAL A 121 5.89 -15.66 0.85
N VAL A 122 6.61 -15.96 1.92
CA VAL A 122 8.06 -16.03 1.88
C VAL A 122 8.45 -17.45 2.22
N THR A 123 9.09 -18.12 1.27
CA THR A 123 9.38 -19.54 1.41
C THR A 123 10.83 -19.82 1.08
N ASN A 124 11.28 -20.99 1.51
CA ASN A 124 12.63 -21.48 1.29
C ASN A 124 12.57 -22.75 0.43
N PRO A 125 13.15 -22.72 -0.78
CA PRO A 125 13.10 -23.93 -1.62
C PRO A 125 14.25 -24.89 -1.30
N CYS B 10 -16.24 14.34 10.25
CA CYS B 10 -14.81 14.52 10.05
C CYS B 10 -14.50 14.38 8.56
N PRO B 11 -13.75 15.34 7.98
CA PRO B 11 -13.43 15.16 6.55
C PRO B 11 -12.51 13.96 6.26
N LEU B 12 -11.61 13.65 7.18
CA LEU B 12 -10.67 12.54 7.03
C LEU B 12 -10.50 11.86 8.37
N MET B 13 -10.76 10.57 8.39
CA MET B 13 -10.60 9.75 9.58
C MET B 13 -9.87 8.48 9.18
N VAL B 14 -9.00 8.03 10.06
CA VAL B 14 -8.24 6.81 9.83
C VAL B 14 -8.54 5.85 10.98
N LYS B 15 -8.82 4.60 10.64
CA LYS B 15 -9.14 3.57 11.62
C LYS B 15 -8.26 2.36 11.35
N VAL B 16 -7.62 1.83 12.39
CA VAL B 16 -6.67 0.73 12.25
C VAL B 16 -7.01 -0.36 13.26
N LEU B 17 -7.12 -1.60 12.77
CA LEU B 17 -7.42 -2.77 13.55
C LEU B 17 -6.29 -3.80 13.47
N ASP B 18 -6.19 -4.63 14.51
CA ASP B 18 -5.17 -5.68 14.65
C ASP B 18 -5.85 -7.05 14.54
N ALA B 19 -5.48 -7.79 13.50
CA ALA B 19 -6.07 -9.09 13.19
C ALA B 19 -5.47 -10.22 14.02
N VAL B 20 -4.38 -9.97 14.73
CA VAL B 20 -3.78 -10.98 15.61
C VAL B 20 -4.47 -10.97 16.96
N ARG B 21 -4.73 -9.78 17.49
CA ARG B 21 -5.32 -9.63 18.81
C ARG B 21 -6.82 -9.42 18.83
N GLY B 22 -7.42 -9.11 17.68
CA GLY B 22 -8.85 -8.85 17.62
C GLY B 22 -9.19 -7.57 18.36
N SER B 23 -8.45 -6.53 18.08
CA SER B 23 -8.55 -5.30 18.85
C SER B 23 -8.26 -4.13 17.96
N PRO B 24 -8.66 -2.92 18.39
N PRO B 24 -8.63 -2.91 18.40
CA PRO B 24 -8.09 -1.76 17.71
CA PRO B 24 -8.08 -1.70 17.78
C PRO B 24 -6.56 -1.82 17.78
C PRO B 24 -6.55 -1.69 17.84
N ALA B 25 -5.91 -1.17 16.82
CA ALA B 25 -4.48 -1.00 16.83
C ALA B 25 -4.22 0.38 17.40
N ILE B 26 -3.71 0.41 18.63
CA ILE B 26 -3.60 1.63 19.40
C ILE B 26 -2.20 2.24 19.27
N ASN B 27 -2.13 3.57 19.26
N ASN B 27 -2.14 3.57 19.25
CA ASN B 27 -0.84 4.29 19.19
CA ASN B 27 -0.87 4.28 19.20
C ASN B 27 -0.07 4.11 17.91
C ASN B 27 -0.08 3.94 17.95
N VAL B 28 -0.79 3.84 16.83
CA VAL B 28 -0.15 3.69 15.52
C VAL B 28 0.07 5.07 14.94
N ALA B 29 1.31 5.36 14.54
CA ALA B 29 1.61 6.65 13.91
C ALA B 29 1.10 6.66 12.48
N VAL B 30 0.51 7.79 12.11
CA VAL B 30 -0.06 8.01 10.80
C VAL B 30 0.42 9.37 10.27
N HIS B 31 0.95 9.37 9.05
CA HIS B 31 1.41 10.59 8.39
C HIS B 31 0.66 10.77 7.09
N VAL B 32 0.09 11.96 6.89
CA VAL B 32 -0.61 12.29 5.66
C VAL B 32 0.21 13.29 4.87
N PHE B 33 0.31 13.06 3.56
CA PHE B 33 1.02 13.95 2.64
C PHE B 33 0.08 14.35 1.51
N ARG B 34 0.38 15.49 0.89
CA ARG B 34 -0.36 15.97 -0.26
C ARG B 34 0.64 16.25 -1.37
N LYS B 35 0.33 15.82 -2.58
CA LYS B 35 1.22 16.07 -3.69
C LYS B 35 1.19 17.56 -4.06
N ALA B 36 2.37 18.17 -4.10
CA ALA B 36 2.52 19.60 -4.40
C ALA B 36 2.62 19.81 -5.89
N ALA B 37 2.62 21.07 -6.31
CA ALA B 37 2.66 21.42 -7.71
C ALA B 37 3.95 20.96 -8.39
N ASP B 38 5.01 20.81 -7.60
CA ASP B 38 6.29 20.33 -8.13
C ASP B 38 6.40 18.82 -8.04
N ASP B 39 5.28 18.18 -7.70
CA ASP B 39 5.17 16.72 -7.71
C ASP B 39 5.88 16.02 -6.55
N THR B 40 6.26 16.79 -5.53
CA THR B 40 6.81 16.20 -4.31
C THR B 40 5.69 15.97 -3.31
N TRP B 41 5.92 15.07 -2.35
CA TRP B 41 4.96 14.83 -1.28
C TRP B 41 5.21 15.79 -0.13
N GLU B 42 4.29 16.72 0.07
N GLU B 42 4.26 16.67 0.10
CA GLU B 42 4.43 17.68 1.17
CA GLU B 42 4.35 17.67 1.15
C GLU B 42 3.68 17.17 2.40
C GLU B 42 3.65 17.16 2.41
N PRO B 43 4.27 17.32 3.59
CA PRO B 43 3.59 16.95 4.83
C PRO B 43 2.28 17.72 4.95
N PHE B 44 1.21 17.02 5.30
CA PHE B 44 -0.11 17.61 5.39
C PHE B 44 -0.68 17.53 6.81
N ALA B 45 -0.57 16.37 7.47
CA ALA B 45 -1.05 16.21 8.82
C ALA B 45 -0.48 14.92 9.37
N SER B 46 -0.44 14.77 10.68
CA SER B 46 -0.05 13.50 11.28
C SER B 46 -0.68 13.34 12.64
N GLY B 47 -0.63 12.13 13.17
CA GLY B 47 -1.16 11.86 14.48
C GLY B 47 -0.97 10.41 14.84
N LYS B 48 -1.58 9.99 15.95
CA LYS B 48 -1.53 8.60 16.39
C LYS B 48 -2.92 8.09 16.67
N THR B 49 -3.16 6.81 16.42
CA THR B 49 -4.47 6.26 16.71
C THR B 49 -4.72 6.18 18.22
N SER B 50 -5.97 6.38 18.59
CA SER B 50 -6.42 6.35 19.96
C SER B 50 -6.64 4.92 20.45
N GLU B 51 -7.19 4.81 21.66
CA GLU B 51 -7.52 3.52 22.22
C GLU B 51 -8.59 2.79 21.43
N SER B 52 -9.34 3.51 20.61
CA SER B 52 -10.34 2.88 19.74
C SER B 52 -9.80 2.59 18.35
N GLY B 53 -8.52 2.84 18.12
CA GLY B 53 -7.91 2.61 16.83
C GLY B 53 -8.18 3.71 15.83
N GLU B 54 -8.73 4.83 16.30
CA GLU B 54 -9.18 5.91 15.42
C GLU B 54 -8.29 7.14 15.53
N LEU B 55 -8.18 7.85 14.43
CA LEU B 55 -7.46 9.10 14.41
C LEU B 55 -8.35 10.08 13.73
N HIS B 56 -8.77 11.06 14.53
CA HIS B 56 -9.65 12.14 14.14
C HIS B 56 -8.86 13.46 14.18
N GLY B 57 -9.44 14.49 13.62
CA GLY B 57 -8.89 15.82 13.74
C GLY B 57 -7.69 16.09 12.88
N LEU B 58 -7.43 15.25 11.87
CA LEU B 58 -6.29 15.50 11.00
C LEU B 58 -6.40 16.80 10.21
N THR B 59 -7.61 17.15 9.76
CA THR B 59 -7.77 18.32 8.91
C THR B 59 -9.17 18.90 9.04
N THR B 60 -9.42 19.96 8.30
CA THR B 60 -10.69 20.65 8.29
C THR B 60 -11.22 20.66 6.87
N GLU B 61 -12.51 20.88 6.70
CA GLU B 61 -13.05 20.96 5.34
C GLU B 61 -12.34 22.04 4.50
N GLU B 62 -11.99 23.15 5.13
CA GLU B 62 -11.32 24.25 4.43
C GLU B 62 -9.90 23.90 3.96
N GLU B 63 -9.15 23.22 4.81
N GLU B 63 -9.13 23.22 4.80
CA GLU B 63 -7.78 22.88 4.50
CA GLU B 63 -7.74 22.92 4.45
C GLU B 63 -7.71 21.75 3.47
C GLU B 63 -7.64 21.68 3.56
N PHE B 64 -8.67 20.83 3.54
CA PHE B 64 -8.63 19.58 2.78
C PHE B 64 -9.16 19.82 1.36
N VAL B 65 -8.35 20.52 0.58
CA VAL B 65 -8.71 20.88 -0.78
C VAL B 65 -8.54 19.68 -1.72
N GLU B 66 -8.95 19.86 -2.96
N GLU B 66 -8.96 19.84 -2.95
CA GLU B 66 -8.62 18.90 -4.02
CA GLU B 66 -8.74 18.82 -3.98
C GLU B 66 -7.17 18.56 -3.94
C GLU B 66 -7.24 18.59 -4.14
N GLY B 67 -6.84 17.32 -4.26
CA GLY B 67 -5.46 16.96 -4.43
C GLY B 67 -5.29 15.46 -4.41
N ILE B 68 -4.04 15.02 -4.56
CA ILE B 68 -3.65 13.63 -4.37
C ILE B 68 -2.99 13.53 -3.01
N TYR B 69 -3.54 12.63 -2.20
CA TYR B 69 -3.11 12.46 -0.82
C TYR B 69 -2.54 11.08 -0.60
N LYS B 70 -1.62 10.97 0.35
CA LYS B 70 -1.03 9.71 0.76
C LYS B 70 -1.18 9.61 2.27
N VAL B 71 -1.79 8.54 2.73
CA VAL B 71 -1.90 8.21 4.13
C VAL B 71 -0.94 7.06 4.40
N GLU B 72 0.10 7.35 5.19
CA GLU B 72 1.12 6.36 5.54
C GLU B 72 0.89 5.91 6.96
N ILE B 73 0.67 4.63 7.13
CA ILE B 73 0.42 4.05 8.44
C ILE B 73 1.65 3.27 8.87
N ASP B 74 2.20 3.58 10.04
N ASP B 74 2.26 3.64 10.01
CA ASP B 74 3.51 3.06 10.40
CA ASP B 74 3.52 3.02 10.44
C ASP B 74 3.40 1.69 11.08
C ASP B 74 3.24 1.69 11.11
N THR B 75 3.06 0.70 10.27
CA THR B 75 2.75 -0.64 10.76
C THR B 75 3.97 -1.34 11.33
N LYS B 76 5.15 -1.10 10.76
CA LYS B 76 6.32 -1.82 11.23
C LYS B 76 6.62 -1.51 12.71
N SER B 77 6.56 -0.23 13.06
CA SER B 77 6.82 0.13 14.44
C SER B 77 5.79 -0.49 15.38
N TYR B 78 4.54 -0.49 14.94
CA TYR B 78 3.48 -1.11 15.71
C TYR B 78 3.80 -2.59 16.03
N TRP B 79 4.11 -3.37 15.01
CA TRP B 79 4.37 -4.80 15.23
C TRP B 79 5.61 -5.05 16.05
N LYS B 80 6.65 -4.28 15.78
CA LYS B 80 7.91 -4.47 16.50
C LYS B 80 7.70 -4.31 18.00
N ALA B 81 6.87 -3.36 18.38
CA ALA B 81 6.64 -3.11 19.81
C ALA B 81 5.86 -4.24 20.47
N LEU B 82 5.21 -5.07 19.67
CA LEU B 82 4.51 -6.27 20.16
C LEU B 82 5.34 -7.55 20.03
N GLY B 83 6.59 -7.42 19.59
CA GLY B 83 7.52 -8.53 19.51
C GLY B 83 7.54 -9.26 18.18
N ILE B 84 6.93 -8.68 17.15
CA ILE B 84 6.79 -9.29 15.85
C ILE B 84 7.61 -8.51 14.83
N SER B 85 8.36 -9.25 14.04
CA SER B 85 9.14 -8.68 12.95
C SER B 85 8.31 -8.85 11.71
N PRO B 86 7.63 -7.78 11.26
CA PRO B 86 6.66 -7.92 10.19
C PRO B 86 7.27 -7.75 8.83
N PHE B 87 6.47 -8.02 7.81
CA PHE B 87 6.94 -7.93 6.44
C PHE B 87 7.08 -6.50 5.92
N HIS B 88 6.04 -5.70 6.13
CA HIS B 88 5.95 -4.38 5.48
C HIS B 88 6.61 -3.29 6.31
N GLU B 89 7.15 -2.27 5.63
CA GLU B 89 7.63 -1.07 6.32
C GLU B 89 6.48 -0.22 6.85
N HIS B 90 5.45 -0.09 6.04
CA HIS B 90 4.27 0.69 6.37
C HIS B 90 3.16 0.22 5.45
N ALA B 91 1.96 0.71 5.69
CA ALA B 91 0.85 0.55 4.76
C ALA B 91 0.59 1.95 4.20
N GLU B 92 0.48 2.05 2.89
CA GLU B 92 0.27 3.34 2.24
C GLU B 92 -1.04 3.32 1.47
N VAL B 93 -1.78 4.41 1.57
CA VAL B 93 -3.05 4.55 0.86
C VAL B 93 -2.98 5.88 0.09
N VAL B 94 -2.99 5.81 -1.24
CA VAL B 94 -2.82 6.98 -2.11
C VAL B 94 -4.08 7.16 -2.95
N PHE B 95 -4.64 8.36 -2.92
CA PHE B 95 -5.95 8.61 -3.52
C PHE B 95 -6.12 10.08 -3.86
N THR B 96 -6.92 10.35 -4.88
CA THR B 96 -7.39 11.69 -5.17
C THR B 96 -8.59 11.99 -4.27
N ALA B 97 -8.62 13.15 -3.66
CA ALA B 97 -9.72 13.56 -2.78
C ALA B 97 -10.34 14.84 -3.26
N ASN B 98 -11.65 14.95 -3.04
CA ASN B 98 -12.41 16.19 -3.18
C ASN B 98 -12.44 16.75 -4.56
N ASP B 99 -12.23 15.91 -5.57
CA ASP B 99 -12.17 16.47 -6.91
C ASP B 99 -13.55 16.72 -7.53
N SER B 100 -14.60 16.26 -6.86
CA SER B 100 -15.97 16.59 -7.26
C SER B 100 -16.68 17.30 -6.11
N GLY B 101 -15.91 18.06 -5.34
CA GLY B 101 -16.45 18.74 -4.19
C GLY B 101 -16.10 17.98 -2.93
N PRO B 102 -16.39 18.58 -1.77
CA PRO B 102 -15.97 18.00 -0.50
C PRO B 102 -16.65 16.66 -0.25
N ARG B 103 -15.89 15.71 0.25
CA ARG B 103 -16.42 14.44 0.72
C ARG B 103 -15.81 14.14 2.08
N ARG B 104 -16.42 13.21 2.79
CA ARG B 104 -15.87 12.68 4.03
C ARG B 104 -15.29 11.30 3.74
N TYR B 105 -14.04 11.12 4.15
CA TYR B 105 -13.28 9.92 3.88
C TYR B 105 -12.92 9.20 5.16
N THR B 106 -13.25 7.91 5.21
CA THR B 106 -12.72 7.02 6.23
C THR B 106 -11.78 6.04 5.54
N ILE B 107 -10.54 6.02 6.00
CA ILE B 107 -9.53 5.08 5.52
C ILE B 107 -9.33 4.05 6.62
N ALA B 108 -9.68 2.80 6.35
CA ALA B 108 -9.58 1.74 7.34
C ALA B 108 -8.51 0.75 6.92
N ALA B 109 -7.79 0.22 7.88
CA ALA B 109 -6.77 -0.80 7.63
C ALA B 109 -6.85 -1.87 8.71
N LEU B 110 -6.71 -3.11 8.27
CA LEU B 110 -6.65 -4.30 9.14
C LEU B 110 -5.27 -4.90 8.97
N LEU B 111 -4.54 -5.03 10.06
CA LEU B 111 -3.14 -5.40 10.03
C LEU B 111 -2.89 -6.81 10.52
N SER B 112 -2.03 -7.51 9.78
CA SER B 112 -1.41 -8.76 10.20
C SER B 112 0.09 -8.65 9.95
N PRO B 113 0.89 -9.54 10.53
CA PRO B 113 2.33 -9.38 10.36
C PRO B 113 2.82 -9.42 8.91
N TYR B 114 2.20 -10.25 8.06
CA TYR B 114 2.60 -10.36 6.66
C TYR B 114 1.55 -9.91 5.66
N SER B 115 0.52 -9.21 6.13
N SER B 115 0.51 -9.22 6.13
N SER B 115 0.54 -9.19 6.14
CA SER B 115 -0.56 -8.79 5.26
CA SER B 115 -0.57 -8.79 5.25
CA SER B 115 -0.57 -8.77 5.29
C SER B 115 -1.33 -7.61 5.82
C SER B 115 -1.28 -7.57 5.82
C SER B 115 -1.21 -7.50 5.81
N TYR B 116 -1.91 -6.81 4.94
CA TYR B 116 -2.87 -5.83 5.38
C TYR B 116 -3.95 -5.71 4.33
N SER B 117 -5.13 -5.30 4.80
CA SER B 117 -6.26 -4.98 3.97
C SER B 117 -6.64 -3.54 4.26
N THR B 118 -7.04 -2.81 3.23
CA THR B 118 -7.46 -1.45 3.41
C THR B 118 -8.67 -1.17 2.54
N THR B 119 -9.57 -0.35 3.07
CA THR B 119 -10.72 0.08 2.33
C THR B 119 -10.98 1.55 2.61
N ALA B 120 -11.80 2.14 1.77
CA ALA B 120 -12.25 3.50 1.95
C ALA B 120 -13.76 3.55 1.98
N VAL B 121 -14.30 4.35 2.87
CA VAL B 121 -15.71 4.70 2.87
C VAL B 121 -15.79 6.19 2.59
N VAL B 122 -16.48 6.54 1.52
CA VAL B 122 -16.57 7.92 1.06
C VAL B 122 -18.02 8.33 1.07
N THR B 123 -18.33 9.39 1.80
CA THR B 123 -19.71 9.86 1.89
C THR B 123 -19.79 11.32 1.52
N ASN B 124 -20.94 11.71 1.01
CA ASN B 124 -21.17 13.07 0.61
C ASN B 124 -21.95 13.80 1.71
N PRO B 125 -21.34 14.82 2.33
CA PRO B 125 -22.02 15.53 3.42
C PRO B 125 -23.12 16.46 2.90
F8C P8S C . -8.19 -13.84 -0.75
C8 P8S C . -7.25 -13.86 0.19
F8A P8S C . -7.81 -13.87 1.37
F8B P8S C . -6.55 -14.98 0.13
C7 P8S C . -6.40 -12.62 0.05
F7A P8S C . -6.27 -12.06 1.23
F7B P8S C . -7.05 -11.76 -0.72
C6 P8S C . -5.02 -12.83 -0.55
F6A P8S C . -4.31 -13.65 0.21
F6B P8S C . -4.41 -11.67 -0.56
C5 P8S C . -5.07 -13.34 -1.99
F5B P8S C . -6.16 -12.87 -2.55
F5A P8S C . -4.01 -12.86 -2.62
C4 P8S C . -5.11 -14.85 -2.12
F4A P8S C . -6.39 -15.19 -2.13
F4B P8S C . -4.51 -15.50 -1.14
C3 P8S C . -4.57 -15.25 -3.48
F3B P8S C . -5.53 -15.91 -4.10
F3A P8S C . -4.25 -14.16 -4.16
C2 P8S C . -3.34 -16.12 -3.41
F2A P8S C . -2.36 -15.37 -2.91
F2B P8S C . -3.59 -17.13 -2.61
C1 P8S C . -2.93 -16.63 -4.79
F1B P8S C . -2.93 -15.62 -5.63
F1A P8S C . -3.82 -17.52 -5.20
S1 P8S C . -1.26 -17.39 -4.80
O3 P8S C . -0.35 -16.33 -5.11
O1 P8S C . -1.05 -17.99 -3.47
O2 P8S C . -1.29 -18.39 -5.84
H1 P8S C . -1.06 -17.42 -2.68
F8C P8S D . -10.25 -3.07 4.92
C8 P8S D . -10.43 -3.28 6.21
F8A P8S D . -9.26 -3.37 6.80
F8B P8S D . -11.12 -2.29 6.74
C7 P8S D . -11.08 -4.65 6.29
F7A P8S D . -11.73 -4.84 5.16
F7B P8S D . -10.09 -5.52 6.33
C6 P8S D . -11.98 -4.94 7.47
F6A P8S D . -12.51 -6.12 7.23
F6B P8S D . -11.30 -5.00 8.61
C5 P8S D . -13.11 -3.93 7.56
F5B P8S D . -13.19 -3.15 6.49
F5A P8S D . -14.24 -4.62 7.61
C4 P8S D . -12.98 -3.12 8.84
F4A P8S D . -13.32 -3.94 9.82
F4B P8S D . -11.74 -2.67 9.06
C3 P8S D . -13.93 -1.95 8.82
F3B P8S D . -13.56 -1.05 7.91
F3A P8S D . -15.11 -2.46 8.51
C2 P8S D . -14.01 -1.30 10.19
F2A P8S D . -14.38 -2.23 11.05
F2B P8S D . -12.81 -0.87 10.52
C1 P8S D . -14.94 -0.11 10.26
F1B P8S D . -15.89 -0.23 9.34
F1A P8S D . -14.21 0.96 10.01
S1 P8S D . -15.73 0.06 11.91
O3 P8S D . -16.36 -1.20 12.21
O1 P8S D . -16.69 1.17 11.82
O2 P8S D . -14.66 0.32 12.84
H1 P8S D . -16.38 2.06 11.59
NA NA E . -13.47 18.37 -10.50
#